data_8DV3
#
_entry.id   8DV3
#
_cell.length_a   57.816
_cell.length_b   78.628
_cell.length_c   92.725
_cell.angle_alpha   90.00
_cell.angle_beta   90.00
_cell.angle_gamma   90.00
#
_symmetry.space_group_name_H-M   'P 21 21 21'
#
loop_
_entity.id
_entity.type
_entity.pdbx_description
1 polymer 'T-cell surface glycoprotein CD1b'
2 polymer Beta-2-microglobulin
3 branched alpha-D-mannopyranose-(1-3)-[alpha-D-mannopyranose-(1-6)]beta-D-mannopyranose-(1-4)-2-acetamido-2-deoxy-beta-D-glucopyranose-(1-4)-[alpha-L-fucopyranose-(1-3)][alpha-L-fucopyranose-(1-6)]2-acetamido-2-deoxy-beta-D-glucopyranose
4 branched 2-acetamido-2-deoxy-beta-D-glucopyranose-(1-4)-[alpha-L-fucopyranose-(1-6)]2-acetamido-2-deoxy-beta-D-glucopyranose
5 non-polymer 1,2-ETHANEDIOL
6 non-polymer 'CHLORIDE ION'
7 non-polymer 'SODIUM ION'
8 non-polymer 'TETRACOSYL PALMITATE'
9 non-polymer 'IODIDE ION'
10 non-polymer 1-palmitoyl-2-oleoyl-sn-glycero-3-phosphoinositol
11 water water
#
loop_
_entity_poly.entity_id
_entity_poly.type
_entity_poly.pdbx_seq_one_letter_code
_entity_poly.pdbx_strand_id
1 'polypeptide(L)'
;HAFQGPTSFHVIQTSSFTNSTWAQTQGSGWLDDLQIHGWDSDSGTAIFLKPWSKGNFSDKEVAELEEIFRVYIFGFAREV
QDFAGDFQMKYPFEIQGIAGCELHSGGAIVSFLRGALGGLDFLSVKNASCVPSPEGGSRAQKFCALIIQYQGIMETVRIL
LYETCPRYLLGVLNAGKADLQRQVKPEAWLSSGPSPGPGRLQLVCHVSGFYPKPVWVMWMRGEQEQQGTQLGDILPNANW
TWYLRATLDVADGEAAGLSCRVKHSSLEGQDIILYWRGSGLNDIFEAQKIEWHEHHHHHH
;
A
2 'polypeptide(L)'
;PKIQRTPKIQVYSRHPAENGKSNFLNCYVSGFHPSDIEVDLLKNGERIEKVEHSDLSFSKDWSFYLLYYTEFTPTEKDEY
ACRVNHVTLSQPKIVKWDRDM
;
B
#
loop_
_chem_comp.id
_chem_comp.type
_chem_comp.name
_chem_comp.formula
6UL non-polymer 'TETRACOSYL PALMITATE' 'C40 H80 O2'
BMA D-saccharide, beta linking beta-D-mannopyranose 'C6 H12 O6'
CL non-polymer 'CHLORIDE ION' 'Cl -1'
EDO non-polymer 1,2-ETHANEDIOL 'C2 H6 O2'
FUC L-saccharide, alpha linking alpha-L-fucopyranose 'C6 H12 O5'
IOD non-polymer 'IODIDE ION' 'I -1'
MAN D-saccharide, alpha linking alpha-D-mannopyranose 'C6 H12 O6'
NA non-polymer 'SODIUM ION' 'Na 1'
NAG D-saccharide, beta linking 2-acetamido-2-deoxy-beta-D-glucopyranose 'C8 H15 N O6'
PIE non-polymer 1-palmitoyl-2-oleoyl-sn-glycero-3-phosphoinositol 'C43 H80 O13 P -1'
#
# COMPACT_ATOMS: atom_id res chain seq x y z
N PHE A 3 6.90 0.67 -21.99
CA PHE A 3 5.64 0.13 -21.52
C PHE A 3 5.32 0.71 -20.16
N GLN A 4 4.03 0.73 -19.84
CA GLN A 4 3.54 1.35 -18.61
C GLN A 4 3.14 0.29 -17.59
N GLY A 5 2.83 0.76 -16.38
CA GLY A 5 2.45 -0.11 -15.30
C GLY A 5 3.61 -0.59 -14.45
N PRO A 6 3.35 -1.56 -13.58
CA PRO A 6 4.39 -2.05 -12.67
C PRO A 6 5.60 -2.60 -13.41
N THR A 7 6.75 -2.48 -12.75
CA THR A 7 8.01 -3.00 -13.27
C THR A 7 8.72 -3.95 -12.30
N SER A 8 8.08 -4.33 -11.19
CA SER A 8 8.75 -5.10 -10.15
C SER A 8 7.77 -6.09 -9.53
N PHE A 9 8.33 -7.17 -9.02
CA PHE A 9 7.59 -8.17 -8.27
C PHE A 9 8.24 -8.35 -6.91
N HIS A 10 7.45 -8.48 -5.86
CA HIS A 10 8.04 -8.87 -4.60
C HIS A 10 7.04 -9.68 -3.78
N VAL A 11 7.59 -10.51 -2.90
CA VAL A 11 6.80 -11.17 -1.86
C VAL A 11 7.11 -10.50 -0.53
N ILE A 12 6.10 -10.38 0.33
CA ILE A 12 6.33 -9.86 1.67
C ILE A 12 5.91 -10.92 2.69
N GLN A 13 6.53 -10.84 3.85
CA GLN A 13 6.24 -11.66 5.02
C GLN A 13 6.09 -10.77 6.24
N THR A 14 5.08 -11.04 7.04
CA THR A 14 4.93 -10.45 8.37
C THR A 14 4.73 -11.60 9.34
N SER A 15 5.66 -11.76 10.27
CA SER A 15 5.62 -12.84 11.26
C SER A 15 5.48 -12.24 12.65
N SER A 16 4.36 -12.54 13.31
CA SER A 16 4.01 -11.94 14.59
C SER A 16 4.20 -13.00 15.66
N PHE A 17 5.08 -12.71 16.60
CA PHE A 17 5.44 -13.64 17.67
C PHE A 17 4.79 -13.15 18.96
N THR A 18 3.75 -13.85 19.40
CA THR A 18 3.02 -13.45 20.60
C THR A 18 3.75 -13.89 21.86
N ASN A 19 4.19 -15.14 21.90
CA ASN A 19 4.99 -15.65 23.01
C ASN A 19 5.84 -16.80 22.48
N SER A 20 6.53 -17.48 23.40
CA SER A 20 7.47 -18.52 23.01
C SER A 20 6.80 -19.69 22.28
N THR A 21 5.49 -19.81 22.35
CA THR A 21 4.82 -20.94 21.70
C THR A 21 3.74 -20.53 20.72
N TRP A 22 3.62 -19.25 20.37
CA TRP A 22 2.59 -18.87 19.42
C TRP A 22 3.13 -17.82 18.47
N ALA A 23 3.12 -18.16 17.18
CA ALA A 23 3.53 -17.22 16.14
C ALA A 23 2.64 -17.47 14.92
N GLN A 24 2.41 -16.41 14.16
CA GLN A 24 1.56 -16.45 12.99
C GLN A 24 2.21 -15.63 11.89
N THR A 25 2.21 -16.14 10.67
CA THR A 25 2.81 -15.44 9.54
C THR A 25 1.74 -15.11 8.49
N GLN A 26 1.84 -13.92 7.89
CA GLN A 26 1.02 -13.52 6.76
C GLN A 26 1.94 -13.21 5.58
N GLY A 27 1.53 -13.57 4.37
CA GLY A 27 2.38 -13.36 3.21
C GLY A 27 1.55 -13.03 2.00
N SER A 28 2.22 -12.45 0.99
CA SER A 28 1.52 -12.05 -0.23
C SER A 28 2.54 -11.71 -1.31
N GLY A 29 2.08 -11.63 -2.54
CA GLY A 29 2.93 -11.26 -3.66
C GLY A 29 2.34 -10.10 -4.43
N TRP A 30 3.21 -9.21 -4.92
CA TRP A 30 2.81 -7.90 -5.41
C TRP A 30 3.56 -7.53 -6.69
N LEU A 31 2.88 -6.86 -7.62
CA LEU A 31 3.52 -6.13 -8.71
C LEU A 31 3.41 -4.66 -8.36
N ASP A 32 4.54 -4.04 -8.00
CA ASP A 32 4.50 -2.75 -7.31
C ASP A 32 3.46 -2.81 -6.20
N ASP A 33 2.43 -1.94 -6.27
CA ASP A 33 1.36 -1.86 -5.28
C ASP A 33 0.21 -2.84 -5.51
N LEU A 34 0.23 -3.62 -6.59
CA LEU A 34 -0.92 -4.40 -7.02
C LEU A 34 -0.74 -5.84 -6.54
N GLN A 35 -1.64 -6.31 -5.68
CA GLN A 35 -1.49 -7.67 -5.17
C GLN A 35 -1.88 -8.70 -6.22
N ILE A 36 -1.00 -9.67 -6.46
CA ILE A 36 -1.32 -10.74 -7.39
C ILE A 36 -1.30 -12.13 -6.74
N HIS A 37 -0.69 -12.28 -5.55
CA HIS A 37 -0.75 -13.53 -4.80
C HIS A 37 -1.16 -13.27 -3.37
N GLY A 38 -1.94 -14.19 -2.83
CA GLY A 38 -2.19 -14.27 -1.40
C GLY A 38 -1.53 -15.53 -0.85
N TRP A 39 -1.38 -15.60 0.46
CA TRP A 39 -0.91 -16.82 1.10
C TRP A 39 -2.01 -17.30 2.00
N ASP A 40 -2.44 -18.55 1.78
CA ASP A 40 -3.53 -19.15 2.52
C ASP A 40 -2.94 -19.97 3.66
N SER A 41 -3.04 -19.44 4.88
N SER A 41 -3.03 -19.43 4.88
CA SER A 41 -2.53 -20.15 6.04
CA SER A 41 -2.52 -20.15 6.05
C SER A 41 -3.34 -21.41 6.37
C SER A 41 -3.34 -21.40 6.37
N ASP A 42 -4.59 -21.49 5.90
CA ASP A 42 -5.42 -22.67 6.13
C ASP A 42 -4.87 -23.90 5.43
N SER A 43 -4.23 -23.70 4.28
CA SER A 43 -3.77 -24.79 3.44
C SER A 43 -2.26 -24.81 3.28
N GLY A 44 -1.57 -23.73 3.64
CA GLY A 44 -0.17 -23.60 3.27
C GLY A 44 0.04 -23.61 1.77
N THR A 45 -0.82 -22.92 1.04
CA THR A 45 -0.63 -22.76 -0.40
C THR A 45 -0.96 -21.32 -0.77
N ALA A 46 -0.55 -20.93 -1.98
CA ALA A 46 -0.78 -19.58 -2.47
C ALA A 46 -2.16 -19.45 -3.10
N ILE A 47 -2.70 -18.24 -3.03
CA ILE A 47 -3.95 -17.89 -3.70
C ILE A 47 -3.58 -17.01 -4.87
N PHE A 48 -4.00 -17.41 -6.08
CA PHE A 48 -3.66 -16.69 -7.31
C PHE A 48 -4.83 -15.76 -7.67
N LEU A 49 -4.60 -14.45 -7.53
CA LEU A 49 -5.69 -13.49 -7.59
C LEU A 49 -6.08 -13.11 -9.01
N LYS A 50 -5.21 -13.37 -9.98
CA LYS A 50 -5.47 -13.10 -11.39
C LYS A 50 -5.23 -14.37 -12.18
N PRO A 51 -5.99 -14.58 -13.26
CA PRO A 51 -5.78 -15.78 -14.10
C PRO A 51 -4.34 -15.90 -14.60
N TRP A 52 -3.59 -14.82 -14.63
CA TRP A 52 -2.23 -14.84 -15.16
C TRP A 52 -1.17 -14.81 -14.06
N SER A 53 -1.55 -14.95 -12.79
CA SER A 53 -0.63 -14.79 -11.67
C SER A 53 0.52 -15.79 -11.66
N LYS A 54 0.39 -16.92 -12.34
CA LYS A 54 1.50 -17.86 -12.45
C LYS A 54 2.51 -17.47 -13.53
N GLY A 55 2.27 -16.39 -14.29
CA GLY A 55 3.24 -15.98 -15.28
C GLY A 55 3.40 -17.03 -16.36
N ASN A 56 4.64 -17.29 -16.75
CA ASN A 56 4.94 -18.38 -17.66
C ASN A 56 5.47 -19.61 -16.93
N PHE A 57 5.26 -19.72 -15.62
CA PHE A 57 5.72 -20.89 -14.87
C PHE A 57 4.75 -22.05 -15.01
N SER A 58 5.30 -23.27 -15.06
CA SER A 58 4.51 -24.49 -15.05
C SER A 58 3.87 -24.72 -13.69
N ASP A 59 2.81 -25.53 -13.68
CA ASP A 59 2.17 -25.86 -12.41
C ASP A 59 3.13 -26.58 -11.48
N LYS A 60 4.00 -27.42 -12.04
CA LYS A 60 5.00 -28.10 -11.24
C LYS A 60 5.93 -27.12 -10.52
N GLU A 61 6.51 -26.17 -11.25
CA GLU A 61 7.43 -25.24 -10.59
C GLU A 61 6.68 -24.35 -9.61
N VAL A 62 5.46 -23.95 -9.96
CA VAL A 62 4.66 -23.16 -9.01
C VAL A 62 4.42 -23.96 -7.74
N ALA A 63 4.02 -25.23 -7.89
CA ALA A 63 3.83 -26.08 -6.73
C ALA A 63 5.12 -26.23 -5.92
N GLU A 64 6.25 -26.46 -6.60
CA GLU A 64 7.53 -26.55 -5.91
C GLU A 64 7.83 -25.27 -5.13
N LEU A 65 7.47 -24.10 -5.69
CA LEU A 65 7.74 -22.85 -4.99
C LEU A 65 6.85 -22.70 -3.77
N GLU A 66 5.57 -23.07 -3.91
CA GLU A 66 4.66 -23.07 -2.77
C GLU A 66 5.22 -23.89 -1.62
N GLU A 67 5.83 -25.03 -1.93
CA GLU A 67 6.34 -25.90 -0.88
C GLU A 67 7.57 -25.30 -0.21
N ILE A 68 8.49 -24.73 -0.98
CA ILE A 68 9.62 -23.99 -0.37
C ILE A 68 9.10 -22.95 0.62
N PHE A 69 8.08 -22.18 0.21
CA PHE A 69 7.57 -21.15 1.11
C PHE A 69 6.88 -21.76 2.33
N ARG A 70 6.13 -22.85 2.13
CA ARG A 70 5.49 -23.49 3.27
C ARG A 70 6.53 -24.01 4.26
N VAL A 71 7.55 -24.72 3.76
CA VAL A 71 8.64 -25.19 4.62
C VAL A 71 9.33 -24.01 5.30
N TYR A 72 9.65 -22.97 4.52
CA TYR A 72 10.33 -21.81 5.10
C TYR A 72 9.51 -21.17 6.22
N ILE A 73 8.21 -20.97 5.98
CA ILE A 73 7.36 -20.27 6.94
C ILE A 73 7.31 -21.05 8.26
N PHE A 74 7.21 -22.38 8.18
CA PHE A 74 7.20 -23.20 9.38
C PHE A 74 8.55 -23.17 10.08
N GLY A 75 9.63 -23.34 9.31
CA GLY A 75 10.94 -23.40 9.94
C GLY A 75 11.40 -22.07 10.49
N PHE A 76 11.01 -20.97 9.84
CA PHE A 76 11.36 -19.64 10.32
C PHE A 76 10.84 -19.42 11.72
N ALA A 77 9.54 -19.63 11.93
CA ALA A 77 8.97 -19.52 13.26
C ALA A 77 9.66 -20.48 14.22
N ARG A 78 9.89 -21.72 13.79
CA ARG A 78 10.48 -22.71 14.70
C ARG A 78 11.84 -22.24 15.18
N GLU A 79 12.68 -21.78 14.24
CA GLU A 79 14.04 -21.38 14.59
C GLU A 79 14.08 -20.06 15.31
N VAL A 80 13.18 -19.13 14.98
CA VAL A 80 13.16 -17.87 15.73
C VAL A 80 12.78 -18.12 17.17
N GLN A 81 11.81 -19.01 17.40
CA GLN A 81 11.45 -19.36 18.78
C GLN A 81 12.62 -20.00 19.52
N ASP A 82 13.33 -20.93 18.87
CA ASP A 82 14.42 -21.64 19.56
C ASP A 82 15.56 -20.71 19.95
N PHE A 83 15.84 -19.70 19.13
CA PHE A 83 16.98 -18.81 19.36
C PHE A 83 16.59 -17.51 20.05
N ALA A 84 15.30 -17.29 20.34
CA ALA A 84 14.88 -16.02 20.93
C ALA A 84 15.59 -15.74 22.25
N GLY A 85 15.87 -16.78 23.04
CA GLY A 85 16.56 -16.60 24.30
C GLY A 85 17.98 -16.11 24.11
N ASP A 86 18.73 -16.75 23.21
CA ASP A 86 20.09 -16.32 22.91
C ASP A 86 20.13 -14.89 22.38
N PHE A 87 19.17 -14.54 21.54
CA PHE A 87 19.09 -13.21 20.94
C PHE A 87 18.36 -12.21 21.83
N GLN A 88 18.19 -12.54 23.11
CA GLN A 88 17.65 -11.62 24.12
C GLN A 88 16.36 -10.95 23.64
N MET A 89 15.44 -11.75 23.11
CA MET A 89 14.21 -11.22 22.55
C MET A 89 13.12 -11.15 23.61
N LYS A 90 12.39 -10.04 23.63
CA LYS A 90 11.25 -9.85 24.52
C LYS A 90 9.96 -9.90 23.73
N TYR A 91 9.01 -10.74 24.17
CA TYR A 91 7.72 -10.86 23.48
C TYR A 91 6.73 -9.76 23.91
N PRO A 92 5.83 -9.37 23.02
CA PRO A 92 5.66 -9.83 21.62
C PRO A 92 6.52 -9.03 20.67
N PHE A 93 6.92 -9.58 19.52
CA PHE A 93 7.66 -8.84 18.51
C PHE A 93 7.20 -9.31 17.14
N GLU A 94 7.60 -8.56 16.13
CA GLU A 94 7.11 -8.74 14.78
C GLU A 94 8.28 -8.58 13.82
N ILE A 95 8.42 -9.54 12.93
CA ILE A 95 9.46 -9.52 11.92
C ILE A 95 8.82 -9.35 10.56
N GLN A 96 9.45 -8.53 9.71
CA GLN A 96 9.01 -8.29 8.35
C GLN A 96 10.13 -8.59 7.38
N GLY A 97 9.73 -9.05 6.20
CA GLY A 97 10.65 -9.30 5.12
C GLY A 97 9.98 -8.92 3.81
N ILE A 98 10.81 -8.52 2.85
CA ILE A 98 10.40 -8.29 1.47
C ILE A 98 11.54 -8.77 0.58
N ALA A 99 11.21 -9.44 -0.51
CA ALA A 99 12.23 -9.94 -1.43
C ALA A 99 11.63 -9.92 -2.83
N GLY A 100 12.47 -9.66 -3.83
CA GLY A 100 11.95 -9.61 -5.18
C GLY A 100 12.97 -9.03 -6.13
N CYS A 101 12.46 -8.55 -7.26
CA CYS A 101 13.36 -8.01 -8.28
C CYS A 101 12.59 -6.96 -9.09
N GLU A 102 13.34 -6.08 -9.76
CA GLU A 102 12.72 -5.00 -10.53
CA GLU A 102 12.72 -5.02 -10.55
C GLU A 102 13.45 -4.81 -11.86
N LEU A 103 12.69 -4.51 -12.91
CA LEU A 103 13.19 -4.20 -14.24
C LEU A 103 13.45 -2.69 -14.34
N HIS A 104 14.69 -2.33 -14.65
CA HIS A 104 15.13 -0.94 -14.75
C HIS A 104 15.20 -0.48 -16.21
N SER A 105 15.27 0.83 -16.39
N SER A 105 15.29 0.83 -16.37
CA SER A 105 15.48 1.39 -17.71
CA SER A 105 15.51 1.40 -17.69
C SER A 105 16.81 0.87 -18.26
C SER A 105 16.82 0.89 -18.27
N GLY A 106 16.80 0.47 -19.53
CA GLY A 106 17.95 -0.17 -20.13
C GLY A 106 18.00 -1.67 -19.96
N GLY A 107 17.04 -2.26 -19.24
CA GLY A 107 16.81 -3.69 -19.28
C GLY A 107 17.37 -4.49 -18.12
N ALA A 108 18.22 -3.92 -17.28
CA ALA A 108 18.78 -4.68 -16.17
C ALA A 108 17.70 -5.03 -15.16
N ILE A 109 17.81 -6.23 -14.58
CA ILE A 109 16.89 -6.65 -13.52
C ILE A 109 17.70 -6.74 -12.23
N VAL A 110 17.22 -6.05 -11.19
CA VAL A 110 17.94 -5.95 -9.93
C VAL A 110 17.07 -6.60 -8.87
N SER A 111 17.69 -7.46 -8.07
CA SER A 111 16.99 -8.18 -7.01
C SER A 111 17.31 -7.57 -5.65
N PHE A 112 16.47 -7.87 -4.66
CA PHE A 112 16.64 -7.30 -3.34
C PHE A 112 16.00 -8.19 -2.30
N LEU A 113 16.50 -8.11 -1.08
CA LEU A 113 15.89 -8.79 0.05
C LEU A 113 16.21 -7.94 1.27
N ARG A 114 15.17 -7.60 2.03
CA ARG A 114 15.31 -6.76 3.22
C ARG A 114 14.51 -7.38 4.34
N GLY A 115 15.04 -7.28 5.56
CA GLY A 115 14.36 -7.77 6.74
C GLY A 115 14.32 -6.71 7.83
N ALA A 116 13.27 -6.80 8.65
CA ALA A 116 13.03 -5.84 9.71
C ALA A 116 12.67 -6.56 11.01
N LEU A 117 13.02 -5.91 12.13
CA LEU A 117 12.58 -6.31 13.45
C LEU A 117 12.08 -5.08 14.19
N GLY A 118 10.88 -5.17 14.77
CA GLY A 118 10.29 -4.04 15.47
C GLY A 118 10.03 -2.82 14.60
N GLY A 119 9.86 -3.01 13.30
CA GLY A 119 9.62 -1.88 12.42
C GLY A 119 10.86 -1.19 11.93
N LEU A 120 12.04 -1.72 12.23
CA LEU A 120 13.30 -1.09 11.88
C LEU A 120 14.10 -2.05 11.03
N ASP A 121 14.85 -1.50 10.07
CA ASP A 121 15.68 -2.34 9.22
C ASP A 121 16.61 -3.19 10.06
N PHE A 122 16.80 -4.44 9.63
CA PHE A 122 17.57 -5.40 10.41
C PHE A 122 18.66 -6.03 9.58
N LEU A 123 18.34 -6.45 8.35
CA LEU A 123 19.35 -6.97 7.44
C LEU A 123 18.92 -6.71 6.01
N SER A 124 19.86 -6.93 5.10
CA SER A 124 19.58 -7.01 3.68
C SER A 124 20.50 -8.06 3.07
N VAL A 125 20.20 -8.44 1.84
CA VAL A 125 21.07 -9.31 1.05
C VAL A 125 21.67 -8.45 -0.05
N LYS A 126 22.99 -8.30 -0.01
CA LYS A 126 23.75 -7.64 -1.07
C LYS A 126 24.75 -8.66 -1.59
N ASN A 127 24.71 -8.92 -2.90
CA ASN A 127 25.69 -9.77 -3.56
C ASN A 127 25.63 -11.20 -3.02
N ALA A 128 24.40 -11.70 -2.84
CA ALA A 128 24.15 -13.02 -2.26
C ALA A 128 24.80 -13.21 -0.90
N SER A 129 24.95 -12.12 -0.13
CA SER A 129 25.56 -12.14 1.18
C SER A 129 24.65 -11.44 2.19
N CYS A 130 24.63 -11.94 3.43
CA CYS A 130 23.84 -11.32 4.49
C CYS A 130 24.56 -10.10 5.03
N VAL A 131 23.93 -8.94 4.94
CA VAL A 131 24.51 -7.69 5.44
C VAL A 131 23.69 -7.23 6.64
N PRO A 132 24.28 -7.13 7.83
CA PRO A 132 23.54 -6.59 8.98
C PRO A 132 23.31 -5.09 8.83
N SER A 133 22.12 -4.65 9.24
N SER A 133 22.12 -4.65 9.25
CA SER A 133 21.86 -3.22 9.22
CA SER A 133 21.83 -3.22 9.23
C SER A 133 22.24 -2.59 10.55
C SER A 133 22.23 -2.59 10.57
N PRO A 134 22.74 -1.34 10.52
CA PRO A 134 23.15 -0.69 11.78
C PRO A 134 22.07 -0.59 12.84
N GLU A 135 20.83 -0.29 12.45
CA GLU A 135 19.75 -0.26 13.43
C GLU A 135 19.55 -1.63 14.10
N GLY A 136 19.87 -2.72 13.39
CA GLY A 136 19.76 -4.05 13.98
C GLY A 136 20.82 -4.37 15.01
N GLY A 137 21.88 -3.56 15.10
CA GLY A 137 22.85 -3.68 16.15
C GLY A 137 23.54 -5.03 16.18
N SER A 138 24.07 -5.36 17.35
CA SER A 138 24.84 -6.59 17.47
C SER A 138 23.96 -7.82 17.29
N ARG A 139 22.67 -7.68 17.59
CA ARG A 139 21.71 -8.74 17.33
C ARG A 139 21.70 -9.14 15.86
N ALA A 140 21.74 -8.16 14.94
CA ALA A 140 21.75 -8.49 13.52
C ALA A 140 23.10 -9.03 13.08
N GLN A 141 24.19 -8.59 13.69
CA GLN A 141 25.48 -9.22 13.41
C GLN A 141 25.47 -10.69 13.81
N LYS A 142 24.88 -11.00 14.96
CA LYS A 142 24.79 -12.38 15.40
C LYS A 142 23.93 -13.20 14.43
N PHE A 143 22.80 -12.65 14.00
CA PHE A 143 21.91 -13.37 13.09
C PHE A 143 22.60 -13.71 11.78
N CYS A 144 23.24 -12.72 11.15
CA CYS A 144 23.90 -12.99 9.87
C CYS A 144 24.97 -14.07 10.01
N ALA A 145 25.76 -14.03 11.08
CA ALA A 145 26.78 -15.06 11.27
C ALA A 145 26.15 -16.43 11.50
N LEU A 146 24.98 -16.46 12.15
CA LEU A 146 24.25 -17.70 12.34
C LEU A 146 23.72 -18.24 11.02
N ILE A 147 23.05 -17.39 10.25
CA ILE A 147 22.23 -17.86 9.14
C ILE A 147 23.08 -18.53 8.07
N ILE A 148 24.30 -18.03 7.87
CA ILE A 148 25.12 -18.44 6.73
C ILE A 148 25.72 -19.81 6.96
N GLN A 149 25.50 -20.37 8.15
CA GLN A 149 25.98 -21.71 8.43
C GLN A 149 24.93 -22.79 8.19
N TYR A 150 23.65 -22.43 8.11
CA TYR A 150 22.62 -23.42 7.80
C TYR A 150 22.73 -23.84 6.35
N GLN A 151 23.01 -25.12 6.13
CA GLN A 151 23.14 -25.64 4.77
C GLN A 151 21.93 -25.28 3.93
N GLY A 152 22.18 -24.92 2.67
CA GLY A 152 21.11 -24.80 1.72
C GLY A 152 20.45 -23.43 1.73
N ILE A 153 20.37 -22.77 2.89
CA ILE A 153 19.58 -21.54 2.99
C ILE A 153 20.08 -20.49 2.01
N MET A 154 21.37 -20.13 2.11
CA MET A 154 21.93 -19.05 1.29
C MET A 154 21.92 -19.43 -0.19
N GLU A 155 22.18 -20.71 -0.51
CA GLU A 155 22.16 -21.09 -1.91
C GLU A 155 20.75 -21.05 -2.49
N THR A 156 19.74 -21.39 -1.67
CA THR A 156 18.35 -21.30 -2.12
C THR A 156 17.91 -19.85 -2.29
N VAL A 157 18.31 -18.98 -1.35
CA VAL A 157 18.04 -17.55 -1.49
C VAL A 157 18.71 -17.03 -2.75
N ARG A 158 19.96 -17.41 -2.98
CA ARG A 158 20.69 -16.93 -4.14
C ARG A 158 19.98 -17.32 -5.43
N ILE A 159 19.60 -18.61 -5.55
CA ILE A 159 18.86 -19.06 -6.73
C ILE A 159 17.57 -18.28 -6.89
N LEU A 160 16.76 -18.19 -5.82
CA LEU A 160 15.47 -17.52 -5.92
C LEU A 160 15.64 -16.05 -6.32
N LEU A 161 16.57 -15.34 -5.69
CA LEU A 161 16.72 -13.91 -5.96
C LEU A 161 17.21 -13.64 -7.38
N TYR A 162 18.29 -14.30 -7.76
CA TYR A 162 19.00 -13.89 -8.95
C TYR A 162 18.69 -14.75 -10.17
N GLU A 163 18.05 -15.90 -10.00
CA GLU A 163 17.74 -16.76 -11.14
C GLU A 163 16.25 -16.98 -11.31
N THR A 164 15.51 -17.29 -10.24
CA THR A 164 14.08 -17.53 -10.38
C THR A 164 13.31 -16.22 -10.56
N CYS A 165 13.57 -15.24 -9.70
CA CYS A 165 12.79 -14.01 -9.73
C CYS A 165 12.83 -13.30 -11.08
N PRO A 166 14.00 -13.05 -11.70
CA PRO A 166 13.99 -12.29 -12.96
C PRO A 166 13.16 -12.95 -14.05
N ARG A 167 13.26 -14.28 -14.22
CA ARG A 167 12.44 -14.89 -15.26
C ARG A 167 10.98 -14.90 -14.88
N TYR A 168 10.69 -15.08 -13.58
CA TYR A 168 9.30 -14.97 -13.14
C TYR A 168 8.76 -13.58 -13.47
N LEU A 169 9.52 -12.55 -13.11
CA LEU A 169 9.06 -11.18 -13.35
C LEU A 169 8.75 -10.95 -14.82
N LEU A 170 9.67 -11.30 -15.70
CA LEU A 170 9.43 -11.04 -17.12
C LEU A 170 8.21 -11.79 -17.63
N GLY A 171 8.03 -13.03 -17.15
CA GLY A 171 6.91 -13.83 -17.63
C GLY A 171 5.57 -13.30 -17.15
N VAL A 172 5.53 -12.76 -15.93
CA VAL A 172 4.25 -12.32 -15.41
C VAL A 172 3.89 -10.92 -15.92
N LEU A 173 4.88 -10.03 -16.11
CA LEU A 173 4.56 -8.75 -16.77
C LEU A 173 4.00 -8.98 -18.16
N ASN A 174 4.50 -10.01 -18.86
CA ASN A 174 3.93 -10.30 -20.18
C ASN A 174 2.55 -10.92 -20.06
N ALA A 175 2.42 -11.92 -19.19
CA ALA A 175 1.14 -12.61 -19.07
C ALA A 175 0.03 -11.66 -18.65
N GLY A 176 0.36 -10.66 -17.84
CA GLY A 176 -0.65 -9.78 -17.29
C GLY A 176 -0.85 -8.48 -18.04
N LYS A 177 -0.27 -8.33 -19.23
CA LYS A 177 -0.23 -7.02 -19.87
C LYS A 177 -1.62 -6.47 -20.13
N ALA A 178 -2.63 -7.31 -20.37
CA ALA A 178 -3.96 -6.78 -20.67
C ALA A 178 -4.50 -5.98 -19.48
N ASP A 179 -4.22 -6.42 -18.25
CA ASP A 179 -4.57 -5.70 -17.04
C ASP A 179 -3.49 -4.72 -16.62
N LEU A 180 -2.22 -5.12 -16.72
CA LEU A 180 -1.14 -4.28 -16.21
C LEU A 180 -0.97 -3.00 -17.02
N GLN A 181 -1.22 -3.07 -18.32
CA GLN A 181 -0.97 -1.94 -19.20
C GLN A 181 -2.24 -1.29 -19.70
N ARG A 182 -3.38 -1.56 -19.07
CA ARG A 182 -4.61 -0.90 -19.49
C ARG A 182 -4.60 0.56 -19.06
N GLN A 183 -5.45 1.35 -19.71
CA GLN A 183 -5.60 2.77 -19.43
C GLN A 183 -7.02 3.03 -18.94
N VAL A 184 -7.15 3.51 -17.72
CA VAL A 184 -8.45 3.82 -17.12
C VAL A 184 -8.49 5.31 -16.81
N LYS A 185 -9.53 5.98 -17.32
CA LYS A 185 -9.61 7.44 -17.22
C LYS A 185 -10.07 7.90 -15.83
N PRO A 186 -9.47 8.94 -15.29
CA PRO A 186 -9.95 9.50 -14.03
C PRO A 186 -11.20 10.34 -14.25
N GLU A 187 -11.93 10.53 -13.15
CA GLU A 187 -12.92 11.59 -13.08
C GLU A 187 -12.46 12.63 -12.07
N ALA A 188 -12.82 13.89 -12.30
CA ALA A 188 -12.33 14.96 -11.44
C ALA A 188 -13.51 15.81 -11.01
N TRP A 189 -13.39 16.42 -9.83
CA TRP A 189 -14.42 17.34 -9.32
C TRP A 189 -13.77 18.27 -8.30
N LEU A 190 -14.44 19.39 -8.04
CA LEU A 190 -13.91 20.45 -7.20
C LEU A 190 -14.71 20.53 -5.91
N SER A 191 -14.04 20.92 -4.83
CA SER A 191 -14.74 21.30 -3.60
C SER A 191 -13.91 22.37 -2.91
N SER A 192 -14.55 23.06 -1.97
CA SER A 192 -13.89 24.15 -1.25
C SER A 192 -13.87 23.78 0.23
N GLY A 193 -12.67 23.73 0.80
CA GLY A 193 -12.48 23.46 2.21
C GLY A 193 -12.29 24.73 3.04
N PRO A 194 -12.21 24.55 4.35
CA PRO A 194 -11.94 25.70 5.23
C PRO A 194 -10.45 25.95 5.31
N SER A 195 -10.10 27.21 5.56
CA SER A 195 -8.69 27.55 5.69
C SER A 195 -8.50 28.54 6.82
N PRO A 196 -7.43 28.38 7.61
CA PRO A 196 -7.24 29.25 8.77
C PRO A 196 -6.86 30.67 8.38
N GLY A 197 -7.17 31.62 9.25
CA GLY A 197 -6.84 32.99 9.00
C GLY A 197 -7.90 33.71 8.20
N PRO A 198 -8.01 35.02 8.41
CA PRO A 198 -9.14 35.77 7.81
C PRO A 198 -9.11 35.76 6.29
N GLY A 199 -10.28 35.55 5.70
CA GLY A 199 -10.45 35.63 4.26
C GLY A 199 -9.66 34.63 3.45
N ARG A 200 -9.39 33.44 4.00
CA ARG A 200 -8.64 32.41 3.28
C ARG A 200 -9.52 31.19 3.04
N LEU A 201 -9.44 30.66 1.82
CA LEU A 201 -10.18 29.50 1.37
C LEU A 201 -9.19 28.43 0.93
N GLN A 202 -9.57 27.18 1.05
CA GLN A 202 -8.82 26.10 0.44
C GLN A 202 -9.69 25.48 -0.64
N LEU A 203 -9.20 25.47 -1.87
CA LEU A 203 -9.87 24.80 -2.98
C LEU A 203 -9.24 23.43 -3.17
N VAL A 204 -10.08 22.42 -3.41
CA VAL A 204 -9.60 21.06 -3.58
C VAL A 204 -10.03 20.56 -4.95
N CYS A 205 -9.07 20.02 -5.68
CA CYS A 205 -9.35 19.32 -6.94
C CYS A 205 -9.17 17.81 -6.69
N HIS A 206 -10.27 17.07 -6.68
CA HIS A 206 -10.25 15.62 -6.51
C HIS A 206 -10.09 14.93 -7.86
N VAL A 207 -9.21 13.94 -7.91
CA VAL A 207 -9.00 13.14 -9.11
C VAL A 207 -9.02 11.67 -8.70
N SER A 208 -9.96 10.91 -9.25
CA SER A 208 -10.23 9.55 -8.76
C SER A 208 -10.51 8.58 -9.90
N GLY A 209 -10.00 7.35 -9.74
CA GLY A 209 -10.33 6.27 -10.65
C GLY A 209 -9.36 6.05 -11.79
N PHE A 210 -8.17 6.64 -11.73
CA PHE A 210 -7.21 6.52 -12.80
C PHE A 210 -6.26 5.34 -12.61
N TYR A 211 -5.78 4.83 -13.73
CA TYR A 211 -4.77 3.79 -13.76
C TYR A 211 -4.14 3.91 -15.15
N PRO A 212 -2.82 3.82 -15.29
CA PRO A 212 -1.79 3.58 -14.29
C PRO A 212 -1.63 4.74 -13.32
N LYS A 213 -0.66 4.64 -12.43
CA LYS A 213 -0.52 5.53 -11.28
C LYS A 213 0.00 6.93 -11.61
N PRO A 214 0.94 7.10 -12.55
CA PRO A 214 1.42 8.46 -12.85
C PRO A 214 0.27 9.34 -13.32
N VAL A 215 0.20 10.54 -12.76
CA VAL A 215 -0.83 11.51 -13.09
C VAL A 215 -0.28 12.92 -12.83
N TRP A 216 -0.89 13.91 -13.48
CA TRP A 216 -0.47 15.30 -13.33
C TRP A 216 -1.71 16.13 -13.02
N VAL A 217 -1.67 16.89 -11.93
CA VAL A 217 -2.79 17.71 -11.51
C VAL A 217 -2.26 19.05 -11.04
N MET A 218 -2.82 20.15 -11.55
CA MET A 218 -2.31 21.46 -11.19
C MET A 218 -3.44 22.48 -11.14
N TRP A 219 -3.43 23.31 -10.12
CA TRP A 219 -4.23 24.52 -10.16
C TRP A 219 -3.58 25.54 -11.10
N MET A 220 -4.43 26.24 -11.88
CA MET A 220 -4.04 27.14 -12.96
C MET A 220 -4.84 28.43 -12.89
N ARG A 221 -4.20 29.52 -13.31
CA ARG A 221 -4.90 30.73 -13.74
C ARG A 221 -4.59 30.90 -15.22
N GLY A 222 -5.54 30.55 -16.08
CA GLY A 222 -5.22 30.53 -17.50
C GLY A 222 -4.10 29.55 -17.78
N GLU A 223 -3.03 30.02 -18.43
CA GLU A 223 -1.88 29.16 -18.67
C GLU A 223 -0.90 29.11 -17.52
N GLN A 224 -1.11 29.89 -16.46
CA GLN A 224 -0.14 30.00 -15.37
C GLN A 224 -0.41 28.91 -14.33
N GLU A 225 0.49 27.93 -14.25
CA GLU A 225 0.41 26.91 -13.21
C GLU A 225 0.68 27.53 -11.85
N GLN A 226 -0.19 27.28 -10.88
CA GLN A 226 -0.05 27.90 -9.56
C GLN A 226 0.93 27.08 -8.72
N GLN A 227 2.10 27.66 -8.43
CA GLN A 227 3.12 26.91 -7.69
C GLN A 227 2.68 26.56 -6.28
N GLY A 228 1.65 27.22 -5.75
CA GLY A 228 1.12 26.85 -4.46
C GLY A 228 0.34 25.54 -4.44
N THR A 229 0.12 24.92 -5.61
CA THR A 229 -0.55 23.62 -5.64
C THR A 229 0.17 22.64 -4.73
N GLN A 230 -0.59 22.01 -3.83
CA GLN A 230 -0.06 21.00 -2.91
C GLN A 230 -0.76 19.68 -3.21
N LEU A 231 0.03 18.66 -3.55
CA LEU A 231 -0.48 17.34 -3.85
C LEU A 231 -0.60 16.52 -2.57
N GLY A 232 -1.76 15.89 -2.37
CA GLY A 232 -1.93 14.91 -1.32
C GLY A 232 -1.23 13.61 -1.63
N ASP A 233 -1.24 12.71 -0.66
CA ASP A 233 -0.80 11.35 -0.90
C ASP A 233 -1.72 10.67 -1.90
N ILE A 234 -1.14 9.83 -2.75
CA ILE A 234 -1.97 9.02 -3.65
C ILE A 234 -2.56 7.87 -2.83
N LEU A 235 -3.90 7.85 -2.75
CA LEU A 235 -4.65 6.87 -1.97
C LEU A 235 -5.26 5.83 -2.89
N PRO A 236 -5.42 4.60 -2.39
CA PRO A 236 -5.94 3.52 -3.24
C PRO A 236 -7.45 3.45 -3.25
N ASN A 237 -7.99 3.08 -4.42
CA ASN A 237 -9.34 2.56 -4.50
C ASN A 237 -9.30 1.05 -4.60
N ALA A 238 -10.46 0.44 -4.38
CA ALA A 238 -10.59 -0.97 -4.72
C ALA A 238 -10.48 -1.14 -6.23
N ASN A 239 -10.01 -2.31 -6.65
CA ASN A 239 -9.94 -2.68 -8.05
C ASN A 239 -8.94 -1.84 -8.84
N TRP A 240 -7.80 -1.50 -8.23
CA TRP A 240 -6.59 -1.14 -8.97
C TRP A 240 -6.71 0.22 -9.66
N THR A 241 -7.25 1.21 -8.94
CA THR A 241 -7.16 2.59 -9.39
C THR A 241 -6.79 3.44 -8.18
N TRP A 242 -6.58 4.74 -8.44
CA TRP A 242 -6.06 5.64 -7.43
C TRP A 242 -6.94 6.88 -7.30
N TYR A 243 -6.69 7.60 -6.21
CA TYR A 243 -7.40 8.82 -5.83
C TYR A 243 -6.34 9.80 -5.36
N LEU A 244 -6.52 11.08 -5.73
CA LEU A 244 -5.52 12.09 -5.43
C LEU A 244 -6.22 13.43 -5.29
N ARG A 245 -5.89 14.18 -4.26
CA ARG A 245 -6.38 15.55 -4.10
C ARG A 245 -5.22 16.51 -4.30
N ALA A 246 -5.48 17.59 -5.03
CA ALA A 246 -4.55 18.69 -5.17
C ALA A 246 -5.24 19.92 -4.60
N THR A 247 -4.59 20.59 -3.68
CA THR A 247 -5.25 21.67 -2.97
C THR A 247 -4.52 22.98 -3.24
N LEU A 248 -5.25 24.08 -3.04
CA LEU A 248 -4.67 25.41 -3.18
C LEU A 248 -5.29 26.31 -2.14
N ASP A 249 -4.45 26.98 -1.36
CA ASP A 249 -4.89 27.99 -0.40
C ASP A 249 -4.84 29.36 -1.08
N VAL A 250 -5.93 30.11 -0.99
N VAL A 250 -5.95 30.07 -1.04
CA VAL A 250 -6.09 31.35 -1.74
CA VAL A 250 -6.05 31.37 -1.69
C VAL A 250 -6.92 32.32 -0.91
C VAL A 250 -6.80 32.33 -0.78
N ALA A 251 -6.61 33.62 -1.05
CA ALA A 251 -7.39 34.63 -0.35
C ALA A 251 -8.80 34.69 -0.93
N ASP A 252 -9.76 35.07 -0.08
CA ASP A 252 -11.19 34.99 -0.43
C ASP A 252 -11.49 35.63 -1.78
N GLY A 253 -11.01 36.84 -1.98
CA GLY A 253 -11.38 37.52 -3.20
C GLY A 253 -10.54 37.17 -4.39
N GLU A 254 -9.68 36.17 -4.29
CA GLU A 254 -8.78 35.78 -5.37
C GLU A 254 -9.05 34.38 -5.90
N ALA A 255 -10.18 33.76 -5.53
CA ALA A 255 -10.48 32.42 -6.03
C ALA A 255 -10.99 32.44 -7.46
N ALA A 256 -11.77 33.46 -7.84
CA ALA A 256 -12.32 33.49 -9.19
C ALA A 256 -11.19 33.57 -10.21
N GLY A 257 -11.33 32.83 -11.32
CA GLY A 257 -10.27 32.73 -12.30
C GLY A 257 -9.44 31.46 -12.17
N LEU A 258 -9.58 30.71 -11.08
CA LEU A 258 -8.82 29.48 -10.92
C LEU A 258 -9.47 28.33 -11.67
N SER A 259 -8.63 27.42 -12.16
CA SER A 259 -9.09 26.18 -12.75
C SER A 259 -8.13 25.06 -12.36
N CYS A 260 -8.61 23.82 -12.41
CA CYS A 260 -7.80 22.64 -12.16
C CYS A 260 -7.62 21.87 -13.47
N ARG A 261 -6.37 21.55 -13.80
N ARG A 261 -6.37 21.58 -13.83
CA ARG A 261 -6.03 20.84 -15.04
CA ARG A 261 -6.07 20.83 -15.04
C ARG A 261 -5.45 19.47 -14.69
C ARG A 261 -5.48 19.47 -14.68
N VAL A 262 -6.02 18.43 -15.29
CA VAL A 262 -5.59 17.04 -15.05
C VAL A 262 -5.04 16.44 -16.34
N LYS A 263 -3.82 15.92 -16.29
CA LYS A 263 -3.21 15.21 -17.41
C LYS A 263 -2.99 13.77 -17.00
N HIS A 264 -3.34 12.85 -17.90
CA HIS A 264 -3.16 11.44 -17.61
C HIS A 264 -2.94 10.70 -18.93
N SER A 265 -2.11 9.66 -18.85
CA SER A 265 -1.83 8.83 -20.02
C SER A 265 -3.09 8.33 -20.72
N SER A 266 -4.18 8.11 -19.96
CA SER A 266 -5.37 7.53 -20.55
C SER A 266 -6.18 8.52 -21.38
N LEU A 267 -5.95 9.81 -21.21
CA LEU A 267 -6.82 10.84 -21.77
C LEU A 267 -6.47 11.18 -23.21
N GLU A 268 -5.40 10.60 -23.75
CA GLU A 268 -5.04 10.79 -25.15
C GLU A 268 -4.94 12.27 -25.49
N GLY A 269 -4.22 13.00 -24.65
CA GLY A 269 -3.99 14.40 -24.86
C GLY A 269 -5.17 15.33 -24.60
N GLN A 270 -6.34 14.81 -24.23
CA GLN A 270 -7.51 15.64 -23.92
C GLN A 270 -7.59 15.83 -22.41
N ASP A 271 -6.83 16.82 -21.91
CA ASP A 271 -6.79 17.11 -20.49
C ASP A 271 -8.19 17.41 -19.96
N ILE A 272 -8.41 17.06 -18.70
CA ILE A 272 -9.60 17.49 -17.96
C ILE A 272 -9.32 18.88 -17.42
N ILE A 273 -10.26 19.82 -17.63
CA ILE A 273 -10.15 21.17 -17.08
C ILE A 273 -11.45 21.50 -16.35
N LEU A 274 -11.34 21.82 -15.06
CA LEU A 274 -12.47 22.22 -14.25
C LEU A 274 -12.29 23.68 -13.85
N TYR A 275 -13.37 24.44 -13.87
CA TYR A 275 -13.33 25.86 -13.58
C TYR A 275 -14.01 26.13 -12.24
N TRP A 276 -13.28 26.75 -11.32
CA TRP A 276 -13.87 27.19 -10.08
C TRP A 276 -14.72 28.44 -10.32
N ARG A 277 -15.96 28.40 -9.91
CA ARG A 277 -16.87 29.54 -9.97
C ARG A 277 -17.20 29.98 -8.56
N GLY A 278 -17.31 31.29 -8.34
CA GLY A 278 -17.49 31.83 -7.01
C GLY A 278 -18.94 31.89 -6.56
N SER A 279 -19.14 32.47 -5.37
CA SER A 279 -20.45 32.77 -4.81
C SER A 279 -21.36 31.56 -4.71
N GLY A 280 -20.79 30.35 -4.66
CA GLY A 280 -21.60 29.14 -4.57
C GLY A 280 -22.15 28.65 -5.89
N LEU A 281 -21.68 29.17 -7.01
CA LEU A 281 -22.15 28.71 -8.32
C LEU A 281 -21.44 27.44 -8.76
N ASN A 282 -21.01 26.62 -7.81
CA ASN A 282 -20.40 25.33 -8.11
C ASN A 282 -21.41 24.22 -7.90
N ASP A 283 -21.18 23.10 -8.58
CA ASP A 283 -22.05 21.94 -8.45
C ASP A 283 -22.00 21.38 -7.03
N PRO B 1 13.76 -2.34 18.23
CA PRO B 1 12.46 -2.91 17.83
C PRO B 1 11.34 -2.62 18.82
N LYS B 2 11.00 -1.36 19.08
CA LYS B 2 10.26 -1.09 20.30
C LYS B 2 9.23 0.03 20.23
N ILE B 3 9.44 1.08 19.45
CA ILE B 3 8.47 2.17 19.42
C ILE B 3 7.31 1.78 18.51
N GLN B 4 6.10 1.90 19.01
CA GLN B 4 4.89 1.64 18.27
C GLN B 4 4.39 2.92 17.60
N ARG B 5 3.76 2.76 16.44
CA ARG B 5 3.31 3.87 15.62
C ARG B 5 1.79 3.85 15.52
N THR B 6 1.18 5.00 15.72
CA THR B 6 -0.28 5.01 15.74
C THR B 6 -0.83 5.11 14.31
N PRO B 7 -2.01 4.53 14.04
CA PRO B 7 -2.58 4.62 12.68
C PRO B 7 -2.90 6.04 12.27
N LYS B 8 -2.53 6.38 11.04
CA LYS B 8 -3.20 7.44 10.29
C LYS B 8 -4.48 6.88 9.68
N ILE B 9 -5.55 7.67 9.66
CA ILE B 9 -6.86 7.19 9.23
C ILE B 9 -7.47 8.20 8.26
N GLN B 10 -7.70 7.77 7.02
CA GLN B 10 -8.25 8.64 5.98
C GLN B 10 -9.48 8.02 5.33
N VAL B 11 -10.57 8.79 5.33
CA VAL B 11 -11.89 8.33 4.88
C VAL B 11 -12.29 9.15 3.67
N TYR B 12 -12.72 8.47 2.61
CA TYR B 12 -13.03 9.16 1.35
C TYR B 12 -13.93 8.28 0.50
N SER B 13 -14.70 8.92 -0.37
CA SER B 13 -15.57 8.20 -1.29
C SER B 13 -14.90 8.05 -2.66
N ARG B 14 -15.23 6.93 -3.31
CA ARG B 14 -14.70 6.62 -4.63
C ARG B 14 -15.13 7.67 -5.67
N HIS B 15 -16.38 8.11 -5.60
CA HIS B 15 -17.00 9.07 -6.50
C HIS B 15 -17.46 10.28 -5.71
N PRO B 16 -17.65 11.41 -6.37
CA PRO B 16 -18.26 12.56 -5.68
C PRO B 16 -19.61 12.18 -5.11
N ALA B 17 -19.86 12.64 -3.89
CA ALA B 17 -21.10 12.28 -3.19
C ALA B 17 -22.29 12.94 -3.84
N GLU B 18 -23.26 12.12 -4.23
CA GLU B 18 -24.56 12.58 -4.74
C GLU B 18 -25.65 11.85 -3.97
N ASN B 19 -26.47 12.61 -3.25
CA ASN B 19 -27.47 11.99 -2.38
C ASN B 19 -28.41 11.10 -3.17
N GLY B 20 -28.47 9.83 -2.80
CA GLY B 20 -29.34 8.86 -3.44
C GLY B 20 -28.65 8.03 -4.51
N LYS B 21 -27.41 8.34 -4.84
CA LYS B 21 -26.66 7.61 -5.85
C LYS B 21 -25.64 6.69 -5.16
N SER B 22 -25.63 5.43 -5.56
CA SER B 22 -24.71 4.45 -4.99
C SER B 22 -23.25 4.87 -5.22
N ASN B 23 -22.39 4.45 -4.30
CA ASN B 23 -21.00 4.92 -4.25
C ASN B 23 -20.22 3.88 -3.46
N PHE B 24 -18.94 4.16 -3.20
CA PHE B 24 -18.08 3.31 -2.38
C PHE B 24 -17.38 4.17 -1.34
N LEU B 25 -17.46 3.76 -0.09
CA LEU B 25 -16.78 4.43 1.01
C LEU B 25 -15.47 3.69 1.29
N ASN B 26 -14.36 4.44 1.30
CA ASN B 26 -13.03 3.92 1.58
C ASN B 26 -12.51 4.40 2.93
N CYS B 27 -11.85 3.50 3.66
CA CYS B 27 -11.05 3.86 4.82
C CYS B 27 -9.64 3.31 4.62
N TYR B 28 -8.68 4.22 4.53
CA TYR B 28 -7.27 3.88 4.32
C TYR B 28 -6.56 4.10 5.64
N VAL B 29 -6.04 3.02 6.21
CA VAL B 29 -5.42 3.05 7.52
C VAL B 29 -3.95 2.73 7.32
N SER B 30 -3.06 3.65 7.69
CA SER B 30 -1.68 3.47 7.34
C SER B 30 -0.78 4.00 8.45
N GLY B 31 0.51 3.69 8.30
CA GLY B 31 1.53 4.24 9.17
C GLY B 31 1.59 3.62 10.55
N PHE B 32 0.98 2.47 10.76
CA PHE B 32 0.90 1.92 12.10
C PHE B 32 1.84 0.73 12.25
N HIS B 33 2.14 0.44 13.50
CA HIS B 33 3.05 -0.64 13.89
C HIS B 33 2.84 -0.86 15.38
N PRO B 34 2.66 -2.11 15.82
CA PRO B 34 2.63 -3.37 15.06
C PRO B 34 1.36 -3.55 14.19
N SER B 35 1.26 -4.68 13.49
CA SER B 35 0.23 -4.88 12.46
C SER B 35 -1.14 -5.17 13.02
N ASP B 36 -1.24 -5.78 14.21
CA ASP B 36 -2.52 -6.11 14.81
C ASP B 36 -3.40 -4.87 14.85
N ILE B 37 -4.57 -4.93 14.20
CA ILE B 37 -5.44 -3.76 14.17
C ILE B 37 -6.87 -4.20 13.94
N GLU B 38 -7.80 -3.41 14.45
CA GLU B 38 -9.23 -3.66 14.28
C GLU B 38 -9.84 -2.44 13.59
N VAL B 39 -10.58 -2.68 12.51
CA VAL B 39 -11.15 -1.60 11.72
C VAL B 39 -12.58 -1.95 11.36
N ASP B 40 -13.50 -1.03 11.63
CA ASP B 40 -14.89 -1.12 11.19
C ASP B 40 -15.27 0.13 10.39
N LEU B 41 -16.22 -0.03 9.50
CA LEU B 41 -16.90 1.12 8.90
C LEU B 41 -18.29 1.23 9.53
N LEU B 42 -18.67 2.46 9.88
CA LEU B 42 -19.88 2.72 10.62
C LEU B 42 -20.89 3.48 9.76
N LYS B 43 -22.16 3.11 9.89
CA LYS B 43 -23.26 3.90 9.36
C LYS B 43 -24.13 4.33 10.53
N ASN B 44 -24.21 5.64 10.77
CA ASN B 44 -24.96 6.17 11.91
C ASN B 44 -24.50 5.50 13.20
N GLY B 45 -23.19 5.38 13.37
CA GLY B 45 -22.61 4.81 14.55
C GLY B 45 -22.75 3.30 14.69
N GLU B 46 -23.44 2.63 13.78
CA GLU B 46 -23.61 1.18 13.84
C GLU B 46 -22.69 0.50 12.82
N ARG B 47 -22.15 -0.65 13.21
CA ARG B 47 -21.16 -1.32 12.37
C ARG B 47 -21.79 -1.87 11.09
N ILE B 48 -21.14 -1.61 9.95
CA ILE B 48 -21.54 -2.18 8.66
C ILE B 48 -20.95 -3.59 8.54
N GLU B 49 -21.79 -4.54 8.16
CA GLU B 49 -21.38 -5.94 8.13
C GLU B 49 -20.72 -6.34 6.82
N LYS B 50 -21.14 -5.79 5.68
CA LYS B 50 -20.58 -6.18 4.39
C LYS B 50 -19.44 -5.24 3.99
N VAL B 51 -18.32 -5.37 4.71
CA VAL B 51 -17.12 -4.56 4.49
C VAL B 51 -15.99 -5.47 4.04
N GLU B 52 -15.33 -5.08 2.94
CA GLU B 52 -14.15 -5.77 2.43
C GLU B 52 -12.88 -5.05 2.86
N HIS B 53 -11.76 -5.77 2.81
CA HIS B 53 -10.47 -5.14 3.10
C HIS B 53 -9.37 -5.83 2.33
N SER B 54 -8.24 -5.13 2.21
CA SER B 54 -7.06 -5.66 1.53
C SER B 54 -6.28 -6.58 2.45
N ASP B 55 -5.46 -7.45 1.86
CA ASP B 55 -4.47 -8.19 2.62
C ASP B 55 -3.40 -7.25 3.15
N LEU B 56 -2.82 -7.61 4.28
CA LEU B 56 -1.82 -6.77 4.92
C LEU B 56 -0.66 -6.46 3.97
N SER B 57 -0.25 -5.19 3.94
CA SER B 57 0.97 -4.79 3.25
C SER B 57 1.69 -3.76 4.12
N PHE B 58 2.84 -3.28 3.65
CA PHE B 58 3.56 -2.26 4.41
C PHE B 58 4.38 -1.41 3.45
N SER B 59 4.80 -0.24 3.95
N SER B 59 4.81 -0.25 3.95
CA SER B 59 5.56 0.72 3.16
CA SER B 59 5.56 0.72 3.17
C SER B 59 7.06 0.44 3.26
C SER B 59 7.07 0.51 3.34
N LYS B 60 7.84 1.27 2.56
CA LYS B 60 9.29 1.19 2.62
C LYS B 60 9.83 1.30 4.05
N ASP B 61 9.21 2.17 4.87
CA ASP B 61 9.64 2.36 6.26
C ASP B 61 9.06 1.33 7.22
N TRP B 62 8.41 0.30 6.67
CA TRP B 62 7.93 -0.90 7.34
C TRP B 62 6.62 -0.66 8.07
N SER B 63 6.03 0.54 8.00
N SER B 63 6.03 0.53 8.00
CA SER B 63 4.72 0.78 8.57
CA SER B 63 4.73 0.75 8.63
C SER B 63 3.65 0.04 7.76
C SER B 63 3.63 0.12 7.80
N PHE B 64 2.68 -0.51 8.47
CA PHE B 64 1.63 -1.28 7.80
C PHE B 64 0.54 -0.36 7.24
N TYR B 65 -0.16 -0.86 6.22
CA TYR B 65 -1.33 -0.15 5.73
C TYR B 65 -2.36 -1.15 5.21
N LEU B 66 -3.63 -0.72 5.28
CA LEU B 66 -4.78 -1.52 4.91
C LEU B 66 -5.80 -0.59 4.28
N LEU B 67 -6.59 -1.14 3.37
CA LEU B 67 -7.73 -0.44 2.79
C LEU B 67 -8.99 -1.22 3.14
N TYR B 68 -9.94 -0.55 3.80
CA TYR B 68 -11.27 -1.07 4.06
C TYR B 68 -12.27 -0.32 3.20
N TYR B 69 -13.24 -1.04 2.63
CA TYR B 69 -14.22 -0.38 1.76
C TYR B 69 -15.55 -1.12 1.78
N THR B 70 -16.62 -0.39 1.49
CA THR B 70 -17.97 -0.95 1.45
C THR B 70 -18.80 -0.12 0.49
N GLU B 71 -19.78 -0.76 -0.15
CA GLU B 71 -20.76 0.00 -0.93
C GLU B 71 -21.60 0.83 0.01
N PHE B 72 -21.94 2.06 -0.41
CA PHE B 72 -22.86 2.85 0.38
C PHE B 72 -23.58 3.84 -0.53
N THR B 73 -24.73 4.30 -0.05
CA THR B 73 -25.54 5.30 -0.75
C THR B 73 -25.67 6.52 0.13
N PRO B 74 -24.89 7.56 -0.09
CA PRO B 74 -24.98 8.75 0.76
C PRO B 74 -26.35 9.39 0.69
N THR B 75 -26.81 9.91 1.82
CA THR B 75 -28.04 10.68 1.93
C THR B 75 -27.75 11.95 2.71
N GLU B 76 -28.77 12.81 2.79
CA GLU B 76 -28.56 14.15 3.34
C GLU B 76 -28.06 14.08 4.79
N LYS B 77 -28.64 13.20 5.61
CA LYS B 77 -28.43 13.22 7.04
C LYS B 77 -27.64 12.04 7.59
N ASP B 78 -27.48 10.97 6.82
CA ASP B 78 -26.77 9.79 7.30
C ASP B 78 -25.30 10.10 7.52
N GLU B 79 -24.72 9.49 8.55
CA GLU B 79 -23.34 9.68 8.93
C GLU B 79 -22.56 8.38 8.74
N TYR B 80 -21.36 8.50 8.18
CA TYR B 80 -20.47 7.36 8.00
C TYR B 80 -19.13 7.68 8.64
N ALA B 81 -18.49 6.64 9.18
CA ALA B 81 -17.26 6.83 9.94
C ALA B 81 -16.43 5.57 9.83
N CYS B 82 -15.14 5.73 10.10
CA CYS B 82 -14.22 4.62 10.19
C CYS B 82 -13.70 4.57 11.62
N ARG B 83 -13.78 3.39 12.24
CA ARG B 83 -13.46 3.23 13.65
C ARG B 83 -12.31 2.24 13.78
N VAL B 84 -11.21 2.69 14.36
CA VAL B 84 -9.98 1.92 14.41
C VAL B 84 -9.58 1.71 15.86
N ASN B 85 -9.17 0.48 16.17
CA ASN B 85 -8.51 0.23 17.45
C ASN B 85 -7.15 -0.42 17.17
N HIS B 86 -6.19 -0.09 18.03
CA HIS B 86 -4.78 -0.45 17.87
C HIS B 86 -4.15 -0.38 19.25
N VAL B 87 -2.98 -1.01 19.40
CA VAL B 87 -2.35 -1.01 20.73
C VAL B 87 -1.95 0.40 21.12
N THR B 88 -1.67 1.26 20.13
CA THR B 88 -1.31 2.66 20.37
C THR B 88 -2.47 3.51 20.86
N LEU B 89 -3.69 2.99 20.83
CA LEU B 89 -4.88 3.78 21.12
C LEU B 89 -5.53 3.28 22.40
N SER B 90 -5.93 4.23 23.25
CA SER B 90 -6.53 3.87 24.53
C SER B 90 -8.00 3.47 24.39
N GLN B 91 -8.67 4.01 23.38
CA GLN B 91 -10.02 3.60 23.03
C GLN B 91 -10.15 3.77 21.52
N PRO B 92 -11.18 3.19 20.91
CA PRO B 92 -11.28 3.27 19.45
C PRO B 92 -11.28 4.72 18.98
N LYS B 93 -10.61 4.96 17.86
CA LYS B 93 -10.58 6.27 17.22
C LYS B 93 -11.57 6.28 16.06
N ILE B 94 -12.60 7.11 16.16
CA ILE B 94 -13.63 7.25 15.13
C ILE B 94 -13.31 8.48 14.29
N VAL B 95 -13.25 8.31 12.97
CA VAL B 95 -12.99 9.39 12.03
C VAL B 95 -14.16 9.45 11.06
N LYS B 96 -14.94 10.53 11.11
CA LYS B 96 -16.14 10.64 10.30
C LYS B 96 -15.80 10.96 8.85
N TRP B 97 -16.60 10.41 7.93
CA TRP B 97 -16.53 10.82 6.53
C TRP B 97 -17.08 12.23 6.36
N ASP B 98 -16.43 13.01 5.48
CA ASP B 98 -16.87 14.36 5.18
C ASP B 98 -16.67 14.62 3.69
N ARG B 99 -17.71 15.11 3.02
CA ARG B 99 -17.61 15.36 1.58
C ARG B 99 -16.69 16.54 1.28
N ASP B 100 -16.91 17.67 1.95
CA ASP B 100 -16.14 18.88 1.71
C ASP B 100 -15.26 19.23 2.91
C1 NAG C . 9.63 -17.34 -18.77
C2 NAG C . 10.46 -18.55 -19.23
C3 NAG C . 11.96 -18.26 -19.10
C4 NAG C . 12.32 -16.96 -19.79
C5 NAG C . 11.41 -15.84 -19.29
C6 NAG C . 11.60 -14.50 -19.98
C7 NAG C . 10.30 -19.97 -17.18
C8 NAG C . 9.79 -21.29 -16.63
N2 NAG C . 10.07 -19.75 -18.48
O3 NAG C . 12.73 -19.30 -19.71
O4 NAG C . 13.68 -16.63 -19.49
O5 NAG C . 10.03 -16.21 -19.47
O6 NAG C . 11.76 -14.59 -21.39
O7 NAG C . 10.94 -19.18 -16.47
C1 NAG C . 14.52 -16.33 -20.61
C2 NAG C . 15.86 -15.80 -20.11
C3 NAG C . 16.80 -15.55 -21.28
C4 NAG C . 16.96 -16.81 -22.11
C5 NAG C . 15.59 -17.31 -22.54
C6 NAG C . 15.64 -18.63 -23.26
C7 NAG C . 15.86 -14.54 -17.99
C8 NAG C . 15.67 -13.20 -17.35
N2 NAG C . 15.71 -14.58 -19.33
O3 NAG C . 18.08 -15.12 -20.82
O4 NAG C . 17.73 -16.50 -23.26
O5 NAG C . 14.73 -17.50 -21.41
O6 NAG C . 14.41 -18.87 -23.94
O7 NAG C . 16.13 -15.55 -17.33
C1 BMA C . 19.02 -17.13 -23.27
C2 BMA C . 19.38 -17.49 -24.74
C3 BMA C . 20.78 -18.10 -24.76
C4 BMA C . 21.77 -17.16 -24.10
C5 BMA C . 21.30 -16.74 -22.70
C6 BMA C . 22.16 -15.65 -22.15
O2 BMA C . 19.44 -16.30 -25.58
O3 BMA C . 21.25 -18.37 -26.08
O4 BMA C . 23.01 -17.82 -23.95
O5 BMA C . 19.96 -16.25 -22.74
O6 BMA C . 21.72 -15.40 -20.86
C1 MAN C . 21.00 -19.74 -26.42
C2 MAN C . 21.94 -20.10 -27.59
C3 MAN C . 21.55 -19.25 -28.80
C4 MAN C . 20.07 -19.41 -29.15
C5 MAN C . 19.17 -19.18 -27.93
C6 MAN C . 17.74 -19.58 -28.17
O2 MAN C . 21.75 -21.42 -28.01
O3 MAN C . 22.37 -19.52 -29.93
O4 MAN C . 19.70 -18.47 -30.15
O5 MAN C . 19.66 -19.94 -26.78
O6 MAN C . 16.93 -18.97 -27.20
C1 MAN C . 22.77 -14.82 -20.07
C2 MAN C . 22.25 -14.70 -18.62
C3 MAN C . 21.14 -13.63 -18.60
C4 MAN C . 21.65 -12.29 -19.17
C5 MAN C . 22.19 -12.50 -20.60
C6 MAN C . 22.84 -11.24 -21.18
O2 MAN C . 23.29 -14.19 -17.79
O3 MAN C . 20.60 -13.40 -17.30
O4 MAN C . 20.59 -11.35 -19.20
O5 MAN C . 23.20 -13.56 -20.57
O6 MAN C . 23.07 -11.44 -22.59
C1 FUC C . 13.24 -20.28 -18.74
C2 FUC C . 13.65 -21.50 -19.58
C3 FUC C . 14.87 -21.14 -20.47
C4 FUC C . 16.00 -20.65 -19.57
C5 FUC C . 15.52 -19.46 -18.71
C6 FUC C . 16.54 -18.99 -17.68
O2 FUC C . 12.55 -21.99 -20.33
O3 FUC C . 15.34 -22.29 -21.18
O4 FUC C . 16.36 -21.70 -18.70
O5 FUC C . 14.35 -19.82 -17.98
C1 FUC C . 10.50 -14.86 -21.98
C2 FUC C . 9.79 -13.53 -22.56
C3 FUC C . 10.09 -13.22 -24.01
C4 FUC C . 10.21 -14.48 -24.78
C5 FUC C . 11.31 -15.29 -24.12
C6 FUC C . 11.76 -16.45 -24.96
O2 FUC C . 10.12 -12.39 -21.84
O3 FUC C . 9.03 -12.42 -24.58
O4 FUC C . 8.97 -15.17 -24.73
O5 FUC C . 10.79 -15.83 -22.95
C1 NAG D . 0.78 -17.85 24.22
C2 NAG D . 0.42 -18.67 25.45
C3 NAG D . -0.71 -19.62 25.11
C4 NAG D . -1.90 -18.85 24.54
C5 NAG D . -1.52 -17.84 23.45
C6 NAG D . -2.62 -16.83 23.22
C7 NAG D . 2.08 -19.21 27.17
C8 NAG D . 3.25 -20.06 27.55
N2 NAG D . 1.56 -19.41 25.96
O3 NAG D . -1.11 -20.31 26.29
O4 NAG D . -2.80 -19.80 23.97
O5 NAG D . -0.35 -17.08 23.82
O6 NAG D . -2.62 -16.31 21.90
O7 NAG D . 1.62 -18.36 27.94
C1 NAG D . -4.07 -19.55 24.59
C2 NAG D . -5.13 -20.03 23.62
C3 NAG D . -6.52 -19.79 24.21
C4 NAG D . -6.61 -20.37 25.63
C5 NAG D . -5.42 -19.95 26.50
C6 NAG D . -5.36 -20.68 27.81
C7 NAG D . -5.37 -19.91 21.19
C8 NAG D . -5.14 -19.08 19.95
N2 NAG D . -4.99 -19.37 22.34
O3 NAG D . -7.48 -20.42 23.38
O4 NAG D . -7.79 -19.88 26.27
O5 NAG D . -4.19 -20.26 25.82
O6 NAG D . -4.03 -20.99 28.18
O7 NAG D . -5.90 -21.03 21.12
C1 FUC D . -3.03 -14.91 21.97
C2 FUC D . -4.34 -14.72 21.15
C3 FUC D . -5.13 -13.45 21.58
C4 FUC D . -4.19 -12.41 22.24
C5 FUC D . -3.59 -13.04 23.52
C6 FUC D . -2.40 -12.26 24.11
O2 FUC D . -5.18 -15.89 21.19
O3 FUC D . -5.77 -12.83 20.46
O4 FUC D . -3.17 -12.00 21.32
O5 FUC D . -3.20 -14.45 23.33
C1 EDO E . 4.76 -6.83 18.30
O1 EDO E . 5.34 -5.83 19.07
C2 EDO E . 3.25 -6.91 18.47
O2 EDO E . 2.78 -7.95 17.59
CL CL F . 1.88 -25.94 7.06
NA NA G . 5.14 -21.26 17.36
C1 EDO H . 14.49 -22.34 -15.91
O1 EDO H . 13.45 -23.18 -16.43
C2 EDO H . 15.55 -23.19 -15.23
O2 EDO H . 16.74 -22.39 -15.03
CBP 6UL I . 18.71 -18.51 13.05
CBN 6UL I . 17.49 -17.79 13.60
CAX 6UL I . 17.77 -16.75 14.68
CAY 6UL I . 16.48 -16.18 15.28
CAZ 6UL I . 16.63 -15.33 16.54
CBA 6UL I . 16.75 -13.84 16.27
CBB 6UL I . 15.45 -13.13 15.91
CBC 6UL I . 15.64 -11.68 15.46
CBD 6UL I . 16.15 -11.58 14.02
CBE 6UL I . 15.13 -11.15 12.95
CBF 6UL I . 15.54 -11.57 11.53
CBG 6UL I . 14.74 -10.92 10.40
CBH 6UL I . 15.12 -11.38 8.99
CBI 6UL I . 13.93 -11.60 8.05
CBJ 6UL I . 14.29 -12.02 6.64
CBK 6UL I . 13.12 -12.61 5.83
CBL 6UL I . 12.99 -12.11 4.38
CBM 6UL I . 12.28 -13.07 3.43
CAW 6UL I . 11.10 -12.48 2.65
CAV 6UL I . 10.33 -13.50 1.80
CAU 6UL I . 9.38 -14.49 2.51
CAT 6UL I . 8.14 -14.84 1.69
CAS 6UL I . 7.10 -15.77 2.35
CAR 6UL I . 5.70 -15.50 1.83
OAQ 6UL I . 5.43 -16.28 0.65
CAP 6UL I . 4.48 -15.90 -0.22
OBO 6UL I . 3.54 -15.20 0.07
CAO 6UL I . 4.67 -16.44 -1.60
CAN 6UL I . 3.40 -16.29 -2.41
CAM 6UL I . 3.66 -16.33 -3.90
CAL 6UL I . 4.55 -17.52 -4.29
CAK 6UL I . 3.77 -18.81 -4.56
I IOD J . 14.91 -12.00 -21.66
C1 EDO K . 16.07 -24.37 -5.01
O1 EDO K . 16.62 -25.01 -6.17
C2 EDO K . 15.55 -23.00 -5.42
O2 EDO K . 14.39 -23.17 -6.26
C1 EDO L . 4.47 -28.97 -16.52
O1 EDO L . 5.79 -29.48 -16.80
C2 EDO L . 4.15 -29.30 -15.06
O2 EDO L . 3.17 -28.39 -14.54
I IOD M . 22.08 -10.27 20.94
C1 EDO N . -12.48 13.89 -19.72
O1 EDO N . -13.05 15.20 -19.80
C2 EDO N . -11.72 13.55 -21.02
O2 EDO N . -10.76 14.58 -21.33
C1 EDO O . -10.70 -21.15 23.54
O1 EDO O . -10.15 -22.01 22.54
C2 EDO O . -10.05 -21.39 24.90
O2 EDO O . -9.83 -22.79 25.12
P PIE P . 13.21 -26.41 0.83
O11 PIE P . 13.39 -24.83 1.01
O12 PIE P . 12.86 -26.72 -0.60
O13 PIE P . 12.27 -26.93 1.87
O14 PIE P . 14.70 -26.93 1.17
C1 PIE P . 12.77 -24.15 2.15
C2 PIE P . 13.74 -23.14 2.73
C3 PIE P . 15.00 -23.77 3.26
O31 PIE P . 14.69 -24.55 4.44
O32 PIE P . 14.20 -22.66 5.57
C31 PIE P . 14.30 -23.86 5.53
C32 PIE P . 14.03 -24.77 6.69
C33 PIE P . 14.06 -24.04 7.99
C34 PIE P . 15.44 -23.53 8.34
C35 PIE P . 15.46 -22.17 9.02
C36 PIE P . 14.96 -21.04 8.17
C37 PIE P . 15.33 -19.66 8.68
C38 PIE P . 15.48 -18.63 7.58
C39 PIE P . 16.05 -17.30 8.04
C40 PIE P . 16.66 -16.44 6.95
C41 PIE P . 15.65 -15.72 6.08
C42 PIE P . 16.22 -14.63 5.20
O21 PIE P . 13.97 -22.06 1.77
O22 PIE P . 15.53 -21.00 2.99
C21 PIE P . 14.71 -20.98 2.12
C22 PIE P . 14.39 -19.71 1.35
C23 PIE P . 13.03 -19.14 1.66
C24 PIE P . 12.96 -17.62 1.51
C25 PIE P . 12.99 -17.10 0.09
C26 PIE P . 13.02 -15.59 -0.03
C27 PIE P . 13.42 -15.04 -1.41
C28 PIE P . 12.37 -15.10 -2.48
C29 PIE P . 12.68 -14.19 -3.65
C47 PIE P . 12.02 -14.01 -4.78
C48 PIE P . 10.79 -14.66 -5.33
C49 PIE P . 11.08 -15.50 -6.54
C50 PIE P . 9.91 -15.71 -7.50
C51 PIE P . 8.75 -16.48 -6.94
C1' PIE P . 18.40 -27.17 0.37
C2' PIE P . 18.24 -27.92 -0.95
C3' PIE P . 17.07 -27.36 -1.75
C4' PIE P . 15.78 -27.47 -0.93
C5' PIE P . 15.91 -26.69 0.38
C6' PIE P . 17.11 -27.13 1.20
O1' PIE P . 19.43 -27.79 1.15
O2' PIE P . 19.45 -27.81 -1.71
O3' PIE P . 16.93 -28.08 -2.97
O4' PIE P . 15.51 -28.85 -0.66
O6' PIE P . 17.30 -26.26 2.31
C52 PIE P . 7.62 -16.66 -7.94
C53 PIE P . 6.37 -17.31 -7.39
C54 PIE P . 5.36 -17.60 -8.46
C55 PIE P . 4.05 -18.18 -7.98
C43 PIE P . 17.03 -15.12 4.03
C44 PIE P . 18.52 -15.07 4.23
C45 PIE P . 19.03 -13.70 4.59
C46 PIE P . 20.53 -13.62 4.49
CL CL Q . 6.62 -15.79 -15.08
CL CL R . 0.98 1.42 -11.79
CL CL S . 1.34 -21.95 6.28
NA NA T . -10.72 30.57 8.42
CL CL U . -21.01 7.41 12.43
CL CL V . -6.77 7.84 22.51
#